data_8C3H
#
_entry.id   8C3H
#
_cell.length_a   56.256
_cell.length_b   58.821
_cell.length_c   88.858
_cell.angle_alpha   90.000
_cell.angle_beta   90.000
_cell.angle_gamma   90.000
#
_symmetry.space_group_name_H-M   'P 21 21 21'
#
loop_
_entity.id
_entity.type
_entity.pdbx_description
1 polymer 'Cereblon isoform 4'
2 polymer P3(40)
3 non-polymer 'ZINC ION'
4 water water
#
loop_
_entity_poly.entity_id
_entity_poly.type
_entity_poly.pdbx_seq_one_letter_code
_entity_poly.pdbx_strand_id
1 'polypeptide(L)'
;MPLDAGGQNSTQMVLAPGASIFRCRQCGQTISRRDWLLPMGGDHEHVVFNPAGMIFRVWCFSLAQGLRLIGAPSGEFSWF
KGYDWTIALCGQCGSHLGWHYEGGSQPQTFFGLIKDRLAEGPAD
;
A,B,C
2 'polypeptide(L)' KFFEQMQ(SNN) D,E
#
loop_
_chem_comp.id
_chem_comp.type
_chem_comp.name
_chem_comp.formula
ZN non-polymer 'ZINC ION' 'Zn 2'
#
# COMPACT_ATOMS: atom_id res chain seq x y z
N SER A 20 7.71 11.06 -7.08
CA SER A 20 7.91 12.00 -6.00
C SER A 20 6.65 12.82 -5.67
N ILE A 21 5.56 12.82 -6.46
CA ILE A 21 4.29 13.41 -5.95
C ILE A 21 3.18 12.35 -5.91
N PHE A 22 2.20 12.60 -5.08
CA PHE A 22 1.04 11.71 -4.87
C PHE A 22 -0.17 12.47 -5.38
N ARG A 23 -0.91 11.79 -6.26
CA ARG A 23 -2.18 12.28 -6.82
C ARG A 23 -3.30 11.33 -6.39
N CYS A 24 -4.52 11.82 -6.36
CA CYS A 24 -5.72 10.98 -6.16
C CYS A 24 -5.71 9.94 -7.28
N ARG A 25 -5.79 8.65 -6.96
CA ARG A 25 -5.81 7.56 -7.96
C ARG A 25 -7.06 7.62 -8.86
N GLN A 26 -8.13 8.24 -8.41
CA GLN A 26 -9.44 8.23 -9.12
C GLN A 26 -9.48 9.36 -10.14
N CYS A 27 -8.81 10.49 -9.91
CA CYS A 27 -9.03 11.66 -10.78
C CYS A 27 -7.74 12.46 -11.05
N GLY A 28 -6.63 12.20 -10.35
CA GLY A 28 -5.35 12.88 -10.62
C GLY A 28 -5.15 14.18 -9.87
N GLN A 29 -6.07 14.57 -8.99
CA GLN A 29 -5.89 15.75 -8.12
CA GLN A 29 -5.88 15.77 -8.14
C GLN A 29 -4.55 15.66 -7.39
N THR A 30 -3.77 16.72 -7.38
CA THR A 30 -2.50 16.76 -6.63
C THR A 30 -2.77 16.71 -5.13
N ILE A 31 -2.15 15.81 -4.36
CA ILE A 31 -2.49 15.67 -2.90
C ILE A 31 -1.25 15.87 -2.04
N SER A 32 -0.16 15.17 -2.30
CA SER A 32 1.02 15.33 -1.44
C SER A 32 2.32 14.99 -2.19
N ARG A 33 3.39 14.84 -1.43
CA ARG A 33 4.76 14.69 -1.97
C ARG A 33 5.46 13.69 -1.08
N ARG A 34 6.37 12.92 -1.65
CA ARG A 34 7.26 11.99 -0.91
C ARG A 34 8.07 12.76 0.15
N ASP A 35 8.55 13.96 -0.18
CA ASP A 35 9.33 14.82 0.75
C ASP A 35 8.53 15.13 2.01
N TRP A 36 7.20 15.00 1.99
CA TRP A 36 6.33 15.40 3.11
C TRP A 36 5.96 14.18 3.96
N LEU A 37 6.53 13.01 3.67
CA LEU A 37 6.26 11.84 4.56
C LEU A 37 6.78 12.17 5.97
N LEU A 38 6.00 11.78 6.98
CA LEU A 38 6.30 12.03 8.39
C LEU A 38 6.41 10.71 9.14
N PRO A 39 7.58 10.36 9.71
CA PRO A 39 7.65 9.17 10.56
C PRO A 39 7.05 9.39 11.95
N MET A 40 5.75 9.20 12.11
CA MET A 40 5.04 9.25 13.42
C MET A 40 5.31 7.96 14.19
N GLY A 41 5.79 8.07 15.44
CA GLY A 41 6.17 6.90 16.24
C GLY A 41 7.24 6.04 15.57
N GLY A 42 8.12 6.62 14.74
CA GLY A 42 9.25 5.90 14.11
C GLY A 42 8.99 5.49 12.66
N ASP A 43 7.75 5.46 12.16
CA ASP A 43 7.48 4.92 10.78
C ASP A 43 6.43 5.82 10.10
N HIS A 44 6.56 6.09 8.81
CA HIS A 44 5.49 6.82 8.07
C HIS A 44 4.29 5.90 7.84
N GLU A 45 4.46 4.59 7.92
CA GLU A 45 3.39 3.61 7.61
C GLU A 45 2.80 3.00 8.91
N HIS A 46 1.47 3.05 9.04
CA HIS A 46 0.70 2.46 10.16
C HIS A 46 -0.42 1.60 9.54
N VAL A 47 -0.51 0.34 9.93
CA VAL A 47 -1.64 -0.52 9.48
C VAL A 47 -2.66 -0.60 10.62
N VAL A 48 -3.88 -0.18 10.32
CA VAL A 48 -4.92 0.12 11.34
C VAL A 48 -6.27 -0.40 10.85
N PHE A 49 -7.21 -0.61 11.77
N PHE A 49 -7.19 -0.60 11.79
CA PHE A 49 -8.60 -0.91 11.37
CA PHE A 49 -8.60 -0.99 11.52
C PHE A 49 -9.55 0.00 12.13
C PHE A 49 -9.55 0.02 12.15
N ASN A 50 -10.66 0.32 11.48
CA ASN A 50 -11.72 1.14 12.11
C ASN A 50 -12.78 0.23 12.73
N PRO A 51 -13.79 0.82 13.43
CA PRO A 51 -14.82 0.00 14.06
C PRO A 51 -15.66 -0.88 13.13
N ALA A 52 -15.79 -0.49 11.88
CA ALA A 52 -16.47 -1.28 10.80
C ALA A 52 -15.53 -2.39 10.24
N GLY A 53 -14.32 -2.52 10.80
CA GLY A 53 -13.33 -3.57 10.54
C GLY A 53 -12.57 -3.36 9.24
N MET A 54 -12.70 -2.21 8.60
CA MET A 54 -11.91 -1.88 7.40
C MET A 54 -10.45 -1.76 7.84
N ILE A 55 -9.54 -2.41 7.11
N ILE A 55 -9.53 -2.44 7.13
CA ILE A 55 -8.08 -2.26 7.33
CA ILE A 55 -8.06 -2.29 7.32
C ILE A 55 -7.55 -1.20 6.35
C ILE A 55 -7.56 -1.21 6.36
N PHE A 56 -6.68 -0.33 6.84
CA PHE A 56 -6.04 0.71 6.03
C PHE A 56 -4.53 0.64 6.24
N ARG A 57 -3.80 0.77 5.13
CA ARG A 57 -2.35 1.04 5.15
C ARG A 57 -2.24 2.56 5.05
N VAL A 58 -2.01 3.19 6.18
CA VAL A 58 -2.00 4.67 6.29
C VAL A 58 -0.56 5.16 6.22
N TRP A 59 -0.32 6.14 5.36
CA TRP A 59 0.99 6.84 5.29
C TRP A 59 0.78 8.22 5.89
N CYS A 60 1.66 8.58 6.80
CA CYS A 60 1.59 9.88 7.49
C CYS A 60 2.38 10.89 6.65
N PHE A 61 1.77 12.05 6.43
CA PHE A 61 2.36 13.21 5.74
C PHE A 61 2.21 14.42 6.64
N SER A 62 3.23 15.26 6.67
CA SER A 62 3.24 16.58 7.36
CA SER A 62 3.15 16.53 7.43
C SER A 62 2.14 17.47 6.78
N LEU A 63 1.93 17.35 5.47
CA LEU A 63 1.22 18.36 4.66
C LEU A 63 0.55 17.61 3.52
N ALA A 64 -0.59 18.13 3.09
CA ALA A 64 -1.35 17.67 1.91
C ALA A 64 -2.16 18.85 1.41
N GLN A 65 -2.64 18.75 0.19
CA GLN A 65 -3.45 19.78 -0.48
C GLN A 65 -4.51 19.06 -1.32
N GLY A 66 -5.43 19.82 -1.89
CA GLY A 66 -6.44 19.31 -2.82
C GLY A 66 -7.47 18.45 -2.13
N LEU A 67 -7.58 18.54 -0.81
CA LEU A 67 -8.51 17.72 0.00
C LEU A 67 -9.69 18.59 0.37
N ARG A 68 -10.76 17.96 0.81
CA ARG A 68 -11.90 18.64 1.44
C ARG A 68 -12.13 17.93 2.79
N LEU A 69 -11.96 18.65 3.89
CA LEU A 69 -12.17 18.06 5.24
C LEU A 69 -13.63 18.17 5.62
N ILE A 70 -14.27 17.07 5.99
CA ILE A 70 -15.74 17.07 6.21
C ILE A 70 -16.00 16.83 7.70
N GLY A 71 -16.91 17.63 8.26
CA GLY A 71 -17.37 17.44 9.65
C GLY A 71 -16.47 18.18 10.60
N ALA A 72 -16.58 17.87 11.89
CA ALA A 72 -15.76 18.50 12.94
C ALA A 72 -14.88 17.38 13.50
N PRO A 73 -13.74 17.71 14.12
CA PRO A 73 -12.81 16.67 14.57
C PRO A 73 -13.43 15.79 15.65
N SER A 74 -12.95 14.57 15.73
CA SER A 74 -13.40 13.54 16.68
C SER A 74 -12.18 12.84 17.24
N GLY A 75 -12.12 12.67 18.56
CA GLY A 75 -11.07 11.87 19.23
C GLY A 75 -11.45 10.37 19.26
N GLU A 76 -12.70 10.03 18.94
CA GLU A 76 -13.23 8.63 19.15
C GLU A 76 -12.46 7.69 18.22
N PHE A 77 -11.89 6.61 18.74
CA PHE A 77 -11.21 5.53 17.97
C PHE A 77 -9.94 6.07 17.29
N SER A 78 -9.38 7.22 17.73
CA SER A 78 -8.21 7.79 17.04
C SER A 78 -7.06 6.79 17.16
N TRP A 79 -6.39 6.53 16.05
CA TRP A 79 -5.24 5.61 15.99
C TRP A 79 -3.99 6.33 16.48
N PHE A 80 -4.02 7.65 16.64
CA PHE A 80 -2.82 8.40 17.06
C PHE A 80 -3.14 9.13 18.36
N LYS A 81 -2.33 8.81 19.39
CA LYS A 81 -2.59 9.27 20.76
C LYS A 81 -2.57 10.79 20.77
N GLY A 82 -3.63 11.42 21.28
CA GLY A 82 -3.72 12.87 21.54
C GLY A 82 -4.25 13.61 20.33
N TYR A 83 -4.57 12.91 19.23
CA TYR A 83 -5.07 13.55 18.01
C TYR A 83 -6.53 13.26 17.78
N ASP A 84 -7.23 14.29 17.30
CA ASP A 84 -8.61 14.25 16.79
C ASP A 84 -8.57 14.20 15.26
N TRP A 85 -9.49 13.46 14.64
CA TRP A 85 -9.48 13.30 13.17
C TRP A 85 -10.70 13.93 12.56
N THR A 86 -10.51 14.42 11.33
CA THR A 86 -11.61 14.73 10.38
CA THR A 86 -11.57 14.80 10.36
C THR A 86 -11.38 13.93 9.11
N ILE A 87 -12.45 13.41 8.55
CA ILE A 87 -12.39 12.70 7.26
C ILE A 87 -11.88 13.67 6.18
N ALA A 88 -10.93 13.22 5.37
CA ALA A 88 -10.37 13.95 4.22
C ALA A 88 -10.83 13.29 2.93
N LEU A 89 -11.59 14.01 2.13
CA LEU A 89 -11.97 13.56 0.77
C LEU A 89 -11.07 14.28 -0.24
N CYS A 90 -10.90 13.65 -1.39
CA CYS A 90 -10.34 14.34 -2.55
C CYS A 90 -11.26 15.54 -2.79
N GLY A 91 -10.68 16.75 -2.90
CA GLY A 91 -11.48 17.97 -3.10
C GLY A 91 -12.07 18.00 -4.48
N GLN A 92 -11.53 17.22 -5.41
CA GLN A 92 -12.03 17.19 -6.81
C GLN A 92 -13.17 16.13 -6.95
N CYS A 93 -12.88 14.86 -6.69
CA CYS A 93 -13.80 13.73 -7.01
C CYS A 93 -14.55 13.23 -5.78
N GLY A 94 -14.23 13.68 -4.57
CA GLY A 94 -14.97 13.24 -3.37
C GLY A 94 -14.56 11.84 -2.87
N SER A 95 -13.56 11.18 -3.43
CA SER A 95 -13.02 9.87 -2.97
CA SER A 95 -13.10 9.86 -2.94
C SER A 95 -12.49 10.01 -1.54
N HIS A 96 -12.73 9.03 -0.68
CA HIS A 96 -12.12 9.05 0.68
C HIS A 96 -10.60 8.80 0.58
N LEU A 97 -9.77 9.75 0.99
CA LEU A 97 -8.32 9.59 0.87
C LEU A 97 -7.65 9.37 2.23
N GLY A 98 -8.34 9.68 3.33
CA GLY A 98 -7.79 9.49 4.68
C GLY A 98 -8.39 10.47 5.66
N TRP A 99 -7.55 11.06 6.48
CA TRP A 99 -7.94 11.89 7.65
C TRP A 99 -6.93 13.00 7.84
N HIS A 100 -7.43 14.12 8.31
CA HIS A 100 -6.57 15.18 8.88
C HIS A 100 -6.62 15.00 10.41
N TYR A 101 -5.45 15.02 11.00
CA TYR A 101 -5.29 14.89 12.46
C TYR A 101 -4.90 16.25 13.05
N GLU A 102 -5.52 16.59 14.17
CA GLU A 102 -5.23 17.87 14.85
C GLU A 102 -5.42 17.72 16.36
N GLY A 103 -5.08 18.75 17.11
CA GLY A 103 -5.40 18.81 18.54
C GLY A 103 -4.32 18.13 19.36
N GLY A 104 -3.24 17.71 18.71
CA GLY A 104 -2.18 16.96 19.38
C GLY A 104 -0.96 17.80 19.64
N SER A 105 0.18 17.15 19.84
CA SER A 105 1.49 17.80 20.18
C SER A 105 2.63 17.15 19.38
N GLN A 106 3.49 17.95 18.76
CA GLN A 106 4.77 17.49 18.15
C GLN A 106 4.51 16.40 17.13
N PRO A 107 3.84 16.67 15.99
CA PRO A 107 3.34 18.00 15.67
C PRO A 107 1.88 18.14 16.09
N GLN A 108 1.38 19.37 16.04
CA GLN A 108 -0.03 19.67 16.38
C GLN A 108 -0.93 18.95 15.38
N THR A 109 -0.57 18.94 14.10
CA THR A 109 -1.44 18.46 13.00
C THR A 109 -0.63 17.65 11.98
N PHE A 110 -1.27 16.73 11.26
CA PHE A 110 -0.66 16.01 10.13
C PHE A 110 -1.79 15.30 9.39
N PHE A 111 -1.44 14.61 8.30
CA PHE A 111 -2.45 13.87 7.51
C PHE A 111 -2.13 12.39 7.50
N GLY A 112 -3.16 11.53 7.66
CA GLY A 112 -2.95 10.10 7.47
C GLY A 112 -3.68 9.73 6.22
N LEU A 113 -2.95 9.39 5.18
CA LEU A 113 -3.59 9.13 3.87
C LEU A 113 -3.47 7.65 3.52
N ILE A 114 -4.51 7.11 2.90
CA ILE A 114 -4.57 5.68 2.57
C ILE A 114 -3.72 5.46 1.31
N LYS A 115 -2.62 4.73 1.47
CA LYS A 115 -1.59 4.53 0.43
C LYS A 115 -2.21 4.05 -0.90
N ASP A 116 -3.12 3.10 -0.90
CA ASP A 116 -3.60 2.48 -2.15
C ASP A 116 -4.64 3.39 -2.82
N ARG A 117 -5.01 4.53 -2.23
CA ARG A 117 -5.93 5.52 -2.85
C ARG A 117 -5.17 6.65 -3.53
N LEU A 118 -3.86 6.58 -3.47
CA LEU A 118 -2.94 7.59 -4.06
C LEU A 118 -2.17 6.92 -5.21
N ALA A 119 -1.80 7.71 -6.21
CA ALA A 119 -0.90 7.30 -7.30
C ALA A 119 0.37 8.13 -7.20
N GLU A 120 1.52 7.46 -7.14
CA GLU A 120 2.84 8.10 -7.07
C GLU A 120 3.40 8.31 -8.48
N GLY A 121 4.06 9.44 -8.70
CA GLY A 121 4.64 9.67 -10.02
C GLY A 121 5.44 10.97 -10.07
N PRO A 122 5.93 11.27 -11.28
CA PRO A 122 6.86 12.38 -11.46
C PRO A 122 6.21 13.76 -11.19
N ALA A 123 7.00 14.70 -10.67
CA ALA A 123 6.56 16.06 -10.30
C ALA A 123 5.92 16.78 -11.50
N SER B 20 0.08 -20.43 -7.23
CA SER B 20 -0.70 -19.83 -8.30
C SER B 20 0.24 -19.14 -9.29
N ILE B 21 -0.27 -18.96 -10.50
CA ILE B 21 0.48 -18.30 -11.60
C ILE B 21 -0.38 -17.17 -12.16
N PHE B 22 0.28 -16.27 -12.83
CA PHE B 22 -0.34 -15.10 -13.44
C PHE B 22 -0.18 -15.30 -14.94
N ARG B 23 -1.31 -15.25 -15.65
CA ARG B 23 -1.37 -15.42 -17.11
C ARG B 23 -1.74 -14.08 -17.72
N CYS B 24 -1.38 -13.89 -18.98
CA CYS B 24 -1.85 -12.75 -19.77
C CYS B 24 -3.37 -12.87 -19.78
N ARG B 25 -4.09 -11.83 -19.35
CA ARG B 25 -5.60 -11.86 -19.36
C ARG B 25 -6.15 -12.01 -20.80
N GLN B 26 -5.39 -11.61 -21.81
CA GLN B 26 -5.90 -11.57 -23.21
C GLN B 26 -5.69 -12.93 -23.88
N CYS B 27 -4.62 -13.67 -23.62
CA CYS B 27 -4.34 -14.88 -24.43
C CYS B 27 -3.99 -16.09 -23.57
N GLY B 28 -3.73 -15.89 -22.27
CA GLY B 28 -3.52 -16.98 -21.30
C GLY B 28 -2.09 -17.44 -21.24
N GLN B 29 -1.17 -16.80 -21.95
CA GLN B 29 0.28 -17.14 -21.81
C GLN B 29 0.67 -17.04 -20.33
N THR B 30 1.40 -18.03 -19.78
CA THR B 30 2.00 -17.90 -18.43
C THR B 30 3.03 -16.76 -18.41
N ILE B 31 2.92 -15.83 -17.45
CA ILE B 31 3.82 -14.66 -17.39
C ILE B 31 4.66 -14.71 -16.11
N SER B 32 4.06 -14.99 -14.98
CA SER B 32 4.75 -14.95 -13.69
C SER B 32 4.04 -15.82 -12.66
N ARG B 33 4.60 -15.86 -11.47
CA ARG B 33 4.20 -16.81 -10.40
C ARG B 33 4.03 -15.96 -9.15
N ARG B 34 3.11 -16.38 -8.29
CA ARG B 34 2.92 -15.72 -7.00
C ARG B 34 4.19 -15.88 -6.13
N ASP B 35 4.92 -16.99 -6.27
CA ASP B 35 6.22 -17.22 -5.56
C ASP B 35 7.21 -16.08 -5.88
N TRP B 36 7.03 -15.40 -7.02
CA TRP B 36 7.99 -14.37 -7.51
C TRP B 36 7.57 -12.98 -7.11
N LEU B 37 6.48 -12.81 -6.37
CA LEU B 37 6.03 -11.48 -5.93
C LEU B 37 7.16 -10.86 -5.11
N LEU B 38 7.45 -9.58 -5.32
CA LEU B 38 8.65 -8.91 -4.76
C LEU B 38 8.20 -7.66 -4.04
N PRO B 39 8.35 -7.53 -2.71
CA PRO B 39 7.99 -6.30 -2.05
C PRO B 39 9.06 -5.22 -2.26
N MET B 40 9.00 -4.45 -3.35
CA MET B 40 9.89 -3.27 -3.57
C MET B 40 9.45 -2.10 -2.70
N GLY B 41 10.38 -1.51 -1.95
CA GLY B 41 10.07 -0.45 -0.99
C GLY B 41 9.05 -0.86 0.07
N GLY B 42 8.96 -2.14 0.44
CA GLY B 42 8.03 -2.60 1.49
C GLY B 42 6.74 -3.23 0.96
N ASP B 43 6.34 -3.03 -0.31
CA ASP B 43 5.03 -3.54 -0.79
C ASP B 43 5.17 -4.10 -2.20
N HIS B 44 4.49 -5.20 -2.53
CA HIS B 44 4.49 -5.68 -3.93
C HIS B 44 3.59 -4.80 -4.79
N GLU B 45 2.61 -4.10 -4.21
CA GLU B 45 1.71 -3.21 -5.02
C GLU B 45 2.13 -1.71 -4.98
N HIS B 46 2.23 -1.09 -6.14
CA HIS B 46 2.54 0.36 -6.31
C HIS B 46 1.51 0.98 -7.25
N VAL B 47 0.71 1.91 -6.79
CA VAL B 47 -0.18 2.67 -7.69
C VAL B 47 0.61 3.89 -8.16
N VAL B 48 0.73 4.07 -9.45
CA VAL B 48 1.72 5.00 -10.09
C VAL B 48 1.05 5.73 -11.24
N PHE B 49 1.61 6.86 -11.66
CA PHE B 49 1.15 7.56 -12.90
C PHE B 49 2.37 7.93 -13.72
N ASN B 50 2.18 8.00 -15.03
CA ASN B 50 3.30 8.34 -15.94
C ASN B 50 3.17 9.80 -16.33
N PRO B 51 4.15 10.37 -17.10
CA PRO B 51 4.10 11.77 -17.51
C PRO B 51 2.89 12.17 -18.37
N ALA B 52 2.31 11.22 -19.09
CA ALA B 52 1.07 11.41 -19.88
C ALA B 52 -0.18 11.33 -18.95
N GLY B 53 0.00 11.05 -17.66
CA GLY B 53 -1.06 10.99 -16.64
C GLY B 53 -1.86 9.69 -16.64
N MET B 54 -1.39 8.65 -17.29
CA MET B 54 -2.02 7.30 -17.17
C MET B 54 -1.73 6.74 -15.78
N ILE B 55 -2.74 6.17 -15.15
CA ILE B 55 -2.60 5.57 -13.80
C ILE B 55 -2.57 4.06 -13.93
N PHE B 56 -1.64 3.40 -13.23
CA PHE B 56 -1.46 1.93 -13.26
C PHE B 56 -1.32 1.41 -11.85
N ARG B 57 -1.95 0.25 -11.59
CA ARG B 57 -1.71 -0.49 -10.36
C ARG B 57 -0.72 -1.60 -10.72
N VAL B 58 0.50 -1.48 -10.28
CA VAL B 58 1.63 -2.34 -10.64
C VAL B 58 1.91 -3.30 -9.49
N TRP B 59 2.12 -4.58 -9.80
CA TRP B 59 2.62 -5.59 -8.85
C TRP B 59 4.05 -5.93 -9.28
N CYS B 60 4.97 -5.90 -8.33
CA CYS B 60 6.39 -6.24 -8.61
C CYS B 60 6.59 -7.77 -8.53
N PHE B 61 7.29 -8.31 -9.53
CA PHE B 61 7.77 -9.71 -9.55
C PHE B 61 9.26 -9.73 -9.83
N SER B 62 9.99 -10.66 -9.22
CA SER B 62 11.44 -10.83 -9.47
C SER B 62 11.72 -11.20 -10.93
N LEU B 63 10.95 -12.16 -11.44
CA LEU B 63 11.13 -12.76 -12.77
C LEU B 63 9.79 -12.77 -13.49
N ALA B 64 9.84 -13.04 -14.80
CA ALA B 64 8.67 -13.29 -15.65
C ALA B 64 9.18 -14.06 -16.86
N GLN B 65 8.25 -14.56 -17.65
CA GLN B 65 8.50 -15.25 -18.91
C GLN B 65 7.41 -14.85 -19.90
N GLY B 66 7.67 -15.10 -21.17
CA GLY B 66 6.65 -14.95 -22.20
C GLY B 66 6.44 -13.52 -22.60
N LEU B 67 7.22 -12.54 -22.10
CA LEU B 67 7.06 -11.14 -22.52
C LEU B 67 8.05 -10.84 -23.65
N ARG B 68 7.88 -9.69 -24.26
CA ARG B 68 8.85 -9.10 -25.20
C ARG B 68 9.10 -7.66 -24.72
N LEU B 69 10.35 -7.35 -24.39
CA LEU B 69 10.75 -5.98 -24.01
C LEU B 69 11.09 -5.18 -25.26
N ILE B 70 10.54 -3.99 -25.36
CA ILE B 70 10.67 -3.18 -26.59
C ILE B 70 11.44 -1.90 -26.22
N GLY B 71 12.36 -1.52 -27.09
CA GLY B 71 13.13 -0.26 -26.96
C GLY B 71 14.35 -0.43 -26.08
N ALA B 72 15.10 0.65 -25.87
CA ALA B 72 16.31 0.64 -25.04
C ALA B 72 15.88 1.09 -23.65
N PRO B 73 16.60 0.71 -22.58
CA PRO B 73 16.16 1.09 -21.23
C PRO B 73 16.24 2.59 -21.05
N SER B 74 15.36 3.12 -20.22
CA SER B 74 15.30 4.57 -19.93
C SER B 74 15.27 4.74 -18.43
N GLY B 75 16.02 5.72 -17.92
CA GLY B 75 15.94 6.12 -16.50
C GLY B 75 14.90 7.19 -16.28
N GLU B 76 14.39 7.80 -17.34
CA GLU B 76 13.55 9.02 -17.22
C GLU B 76 12.24 8.62 -16.54
N PHE B 77 11.86 9.32 -15.46
CA PHE B 77 10.54 9.15 -14.80
C PHE B 77 10.37 7.74 -14.21
N SER B 78 11.47 7.05 -13.93
CA SER B 78 11.44 5.70 -13.34
C SER B 78 10.69 5.76 -12.01
N TRP B 79 9.71 4.89 -11.81
CA TRP B 79 8.95 4.79 -10.53
C TRP B 79 9.85 4.16 -9.46
N PHE B 80 10.96 3.52 -9.83
CA PHE B 80 11.85 2.84 -8.85
C PHE B 80 13.24 3.46 -8.96
N LYS B 81 13.67 4.15 -7.91
CA LYS B 81 14.92 4.93 -7.90
C LYS B 81 16.05 3.94 -8.16
N GLY B 82 16.93 4.29 -9.09
CA GLY B 82 18.16 3.56 -9.39
C GLY B 82 17.94 2.61 -10.56
N TYR B 83 16.71 2.46 -11.06
CA TYR B 83 16.39 1.49 -12.13
C TYR B 83 16.01 2.22 -13.41
N ASP B 84 16.40 1.61 -14.52
CA ASP B 84 15.96 1.95 -15.89
C ASP B 84 14.84 0.96 -16.31
N TRP B 85 13.89 1.44 -17.09
CA TRP B 85 12.71 0.61 -17.46
C TRP B 85 12.70 0.40 -18.96
N THR B 86 12.18 -0.76 -19.39
N THR B 86 12.05 -0.68 -19.35
CA THR B 86 11.77 -1.04 -20.78
CA THR B 86 11.76 -1.10 -20.73
C THR B 86 10.30 -1.53 -20.77
C THR B 86 10.27 -1.50 -20.73
N ILE B 87 9.51 -1.09 -21.73
CA ILE B 87 8.10 -1.53 -21.88
C ILE B 87 8.11 -3.05 -22.14
N ALA B 88 7.22 -3.77 -21.47
CA ALA B 88 7.06 -5.23 -21.58
C ALA B 88 5.68 -5.50 -22.20
N LEU B 89 5.66 -6.16 -23.34
CA LEU B 89 4.41 -6.63 -23.99
C LEU B 89 4.33 -8.14 -23.81
N CYS B 90 3.13 -8.68 -23.79
CA CYS B 90 2.96 -10.15 -23.95
C CYS B 90 3.64 -10.56 -25.26
N GLY B 91 4.56 -11.54 -25.25
CA GLY B 91 5.30 -11.97 -26.44
C GLY B 91 4.36 -12.67 -27.42
N GLN B 92 3.23 -13.17 -26.91
CA GLN B 92 2.27 -13.95 -27.71
C GLN B 92 1.26 -13.04 -28.39
N CYS B 93 0.55 -12.17 -27.66
CA CYS B 93 -0.59 -11.36 -28.18
C CYS B 93 -0.26 -9.86 -28.27
N GLY B 94 0.84 -9.39 -27.70
CA GLY B 94 1.19 -7.96 -27.83
C GLY B 94 0.51 -7.06 -26.83
N SER B 95 -0.25 -7.57 -25.83
CA SER B 95 -0.90 -6.71 -24.81
C SER B 95 0.20 -6.05 -23.95
N HIS B 96 0.05 -4.79 -23.62
CA HIS B 96 1.01 -4.10 -22.70
C HIS B 96 0.79 -4.62 -21.30
N LEU B 97 1.75 -5.34 -20.74
CA LEU B 97 1.59 -5.98 -19.43
C LEU B 97 2.40 -5.24 -18.34
N GLY B 98 3.38 -4.40 -18.68
CA GLY B 98 4.10 -3.59 -17.70
C GLY B 98 5.46 -3.18 -18.20
N TRP B 99 6.48 -3.39 -17.36
CA TRP B 99 7.86 -2.90 -17.55
C TRP B 99 8.85 -3.87 -16.93
N HIS B 100 10.01 -3.94 -17.55
CA HIS B 100 11.20 -4.57 -16.94
C HIS B 100 12.10 -3.46 -16.40
N TYR B 101 12.60 -3.66 -15.20
CA TYR B 101 13.53 -2.72 -14.51
C TYR B 101 14.91 -3.36 -14.46
N GLU B 102 15.95 -2.56 -14.72
CA GLU B 102 17.34 -3.03 -14.65
C GLU B 102 18.27 -1.91 -14.17
N GLY B 103 19.49 -2.31 -13.87
CA GLY B 103 20.66 -1.44 -13.64
C GLY B 103 20.70 -1.03 -12.18
N GLY B 104 19.88 -1.66 -11.34
CA GLY B 104 19.83 -1.38 -9.89
C GLY B 104 20.65 -2.39 -9.12
N SER B 105 20.34 -2.53 -7.83
CA SER B 105 21.05 -3.43 -6.89
C SER B 105 20.03 -4.11 -5.98
N GLN B 106 20.16 -5.42 -5.76
CA GLN B 106 19.40 -6.19 -4.74
C GLN B 106 17.90 -5.93 -4.86
N PRO B 107 17.21 -6.34 -5.94
CA PRO B 107 17.83 -7.07 -7.04
C PRO B 107 18.28 -6.15 -8.19
N GLN B 108 19.12 -6.69 -9.07
CA GLN B 108 19.63 -5.95 -10.25
C GLN B 108 18.47 -5.64 -11.19
N THR B 109 17.53 -6.57 -11.32
CA THR B 109 16.41 -6.49 -12.29
C THR B 109 15.14 -7.02 -11.66
N PHE B 110 13.99 -6.56 -12.10
CA PHE B 110 12.68 -7.12 -11.70
C PHE B 110 11.65 -6.58 -12.68
N PHE B 111 10.41 -7.01 -12.53
CA PHE B 111 9.29 -6.55 -13.38
C PHE B 111 8.27 -5.83 -12.55
N GLY B 112 7.64 -4.82 -13.12
CA GLY B 112 6.42 -4.18 -12.60
C GLY B 112 5.31 -4.48 -13.58
N LEU B 113 4.41 -5.40 -13.21
CA LEU B 113 3.33 -5.82 -14.13
C LEU B 113 1.99 -5.20 -13.68
N ILE B 114 1.16 -4.90 -14.65
CA ILE B 114 -0.14 -4.25 -14.42
C ILE B 114 -1.12 -5.31 -13.97
N LYS B 115 -1.49 -5.30 -12.69
CA LYS B 115 -2.30 -6.36 -12.06
C LYS B 115 -3.57 -6.63 -12.89
N ASP B 116 -4.28 -5.60 -13.34
CA ASP B 116 -5.57 -5.67 -14.05
C ASP B 116 -5.44 -6.40 -15.40
N ARG B 117 -4.25 -6.54 -15.95
CA ARG B 117 -4.00 -7.15 -17.28
C ARG B 117 -3.52 -8.58 -17.15
N LEU B 118 -3.46 -9.08 -15.92
CA LEU B 118 -3.06 -10.46 -15.58
C LEU B 118 -4.29 -11.19 -15.03
N ALA B 119 -4.26 -12.52 -15.15
CA ALA B 119 -5.34 -13.38 -14.63
C ALA B 119 -4.65 -14.39 -13.73
N GLU B 120 -4.92 -14.37 -12.42
CA GLU B 120 -4.32 -15.31 -11.46
C GLU B 120 -5.12 -16.61 -11.47
N GLY B 121 -4.43 -17.74 -11.44
CA GLY B 121 -5.12 -19.01 -11.26
C GLY B 121 -4.13 -20.12 -10.88
N PRO B 122 -4.63 -21.33 -10.66
CA PRO B 122 -3.74 -22.46 -10.40
C PRO B 122 -2.87 -22.82 -11.61
N ALA B 123 -1.65 -23.27 -11.32
CA ALA B 123 -0.64 -23.78 -12.29
C ALA B 123 -1.26 -24.86 -13.18
N GLY C 18 -8.29 3.98 19.98
CA GLY C 18 -8.14 3.41 18.64
C GLY C 18 -7.28 2.16 18.61
N ALA C 19 -6.62 1.79 19.73
CA ALA C 19 -5.66 0.65 19.72
C ALA C 19 -5.92 -0.31 20.89
N SER C 20 -7.08 -0.96 20.98
CA SER C 20 -7.33 -1.94 22.07
C SER C 20 -7.30 -3.38 21.57
N ILE C 21 -7.54 -3.65 20.28
CA ILE C 21 -7.43 -5.02 19.68
C ILE C 21 -6.26 -5.08 18.70
N PHE C 22 -5.48 -6.15 18.76
CA PHE C 22 -4.36 -6.45 17.82
C PHE C 22 -4.79 -7.61 16.93
N ARG C 23 -4.67 -7.41 15.63
CA ARG C 23 -5.09 -8.35 14.58
C ARG C 23 -3.94 -8.61 13.64
N CYS C 24 -3.93 -9.78 13.00
CA CYS C 24 -3.03 -10.06 11.86
C CYS C 24 -3.17 -8.94 10.81
N ARG C 25 -2.06 -8.31 10.38
CA ARG C 25 -2.04 -7.21 9.36
C ARG C 25 -2.49 -7.74 7.98
N GLN C 26 -2.15 -8.99 7.63
CA GLN C 26 -2.46 -9.60 6.30
C GLN C 26 -3.96 -9.93 6.15
N CYS C 27 -4.62 -10.43 7.20
CA CYS C 27 -5.95 -11.07 7.01
C CYS C 27 -6.98 -10.60 8.04
N GLY C 28 -6.54 -10.02 9.16
CA GLY C 28 -7.43 -9.44 10.18
C GLY C 28 -7.81 -10.40 11.32
N GLN C 29 -7.33 -11.65 11.29
CA GLN C 29 -7.53 -12.58 12.45
C GLN C 29 -7.25 -11.86 13.78
N THR C 30 -8.17 -11.98 14.74
CA THR C 30 -8.01 -11.47 16.13
C THR C 30 -6.87 -12.23 16.81
N ILE C 31 -5.89 -11.54 17.38
CA ILE C 31 -4.71 -12.18 18.03
C ILE C 31 -4.66 -11.80 19.51
N SER C 32 -4.80 -10.52 19.88
CA SER C 32 -4.73 -10.20 21.33
C SER C 32 -5.33 -8.83 21.63
N ARG C 33 -5.22 -8.37 22.87
CA ARG C 33 -5.86 -7.09 23.26
C ARG C 33 -4.97 -6.36 24.25
N ARG C 34 -5.13 -5.03 24.30
CA ARG C 34 -4.42 -4.12 25.22
C ARG C 34 -4.47 -4.71 26.62
N ASP C 35 -5.62 -5.24 27.05
CA ASP C 35 -5.79 -5.80 28.42
C ASP C 35 -4.69 -6.81 28.72
N TRP C 36 -4.23 -7.60 27.73
CA TRP C 36 -3.26 -8.69 27.94
C TRP C 36 -1.81 -8.22 27.70
N LEU C 37 -1.60 -6.93 27.42
CA LEU C 37 -0.29 -6.32 27.05
C LEU C 37 0.54 -6.01 28.30
N TRP C 59 5.90 -6.40 21.12
CA TRP C 59 4.86 -6.31 22.19
C TRP C 59 4.76 -7.68 22.90
N CYS C 60 4.94 -7.72 24.22
CA CYS C 60 4.71 -8.92 25.07
C CYS C 60 3.23 -9.01 25.51
N PHE C 61 2.57 -10.15 25.27
CA PHE C 61 1.19 -10.43 25.74
C PHE C 61 1.22 -11.71 26.63
N SER C 62 0.50 -11.69 27.76
CA SER C 62 0.33 -12.85 28.68
C SER C 62 -0.56 -13.91 28.01
N LEU C 63 -1.42 -13.48 27.08
CA LEU C 63 -2.40 -14.38 26.41
C LEU C 63 -2.53 -13.94 24.97
N ALA C 64 -2.89 -14.89 24.10
CA ALA C 64 -3.22 -14.60 22.70
C ALA C 64 -4.15 -15.72 22.20
N GLN C 65 -4.74 -15.48 21.04
CA GLN C 65 -5.61 -16.47 20.36
C GLN C 65 -5.28 -16.46 18.88
N GLY C 66 -5.77 -17.48 18.14
CA GLY C 66 -5.81 -17.37 16.67
C GLY C 66 -4.46 -17.65 16.05
N LEU C 67 -3.46 -18.07 16.86
CA LEU C 67 -2.12 -18.39 16.31
C LEU C 67 -2.04 -19.89 16.08
N ARG C 68 -1.02 -20.30 15.34
CA ARG C 68 -0.58 -21.71 15.29
C ARG C 68 0.90 -21.70 15.70
N LEU C 69 1.22 -22.36 16.81
CA LEU C 69 2.62 -22.51 17.28
C LEU C 69 3.25 -23.71 16.56
N ILE C 70 4.41 -23.53 15.91
CA ILE C 70 5.09 -24.58 15.11
C ILE C 70 6.50 -24.82 15.68
N THR C 86 9.38 -20.53 20.07
CA THR C 86 8.52 -21.26 19.10
C THR C 86 7.93 -20.22 18.15
N ILE C 87 7.89 -20.55 16.85
CA ILE C 87 7.33 -19.64 15.82
C ILE C 87 5.81 -19.62 16.03
N ALA C 88 5.23 -18.42 16.00
CA ALA C 88 3.79 -18.19 16.10
C ALA C 88 3.34 -17.67 14.72
N LEU C 89 2.62 -18.50 13.98
CA LEU C 89 1.94 -18.10 12.73
C LEU C 89 0.50 -17.66 13.02
N CYS C 90 -0.07 -16.76 12.20
CA CYS C 90 -1.53 -16.54 12.12
C CYS C 90 -2.22 -17.85 11.70
N GLY C 91 -3.19 -18.35 12.49
CA GLY C 91 -3.87 -19.63 12.20
C GLY C 91 -4.77 -19.46 10.98
N GLN C 92 -5.06 -18.21 10.57
CA GLN C 92 -6.05 -17.96 9.51
C GLN C 92 -5.37 -17.93 8.15
N CYS C 93 -4.24 -17.22 8.05
CA CYS C 93 -3.60 -16.96 6.74
C CYS C 93 -2.14 -17.45 6.75
N GLY C 94 -1.59 -17.89 7.89
CA GLY C 94 -0.23 -18.47 7.95
C GLY C 94 0.88 -17.42 8.05
N SER C 95 0.55 -16.12 8.10
CA SER C 95 1.55 -15.02 8.17
C SER C 95 2.37 -15.10 9.47
N HIS C 96 3.69 -14.87 9.44
CA HIS C 96 4.56 -15.01 10.63
C HIS C 96 4.35 -13.78 11.54
N LEU C 97 3.80 -13.99 12.73
CA LEU C 97 3.44 -12.82 13.60
C LEU C 97 4.41 -12.64 14.77
N GLY C 98 5.17 -13.69 15.12
CA GLY C 98 6.17 -13.66 16.21
C GLY C 98 6.44 -15.04 16.81
N TRP C 99 6.54 -15.08 18.14
CA TRP C 99 6.98 -16.28 18.89
C TRP C 99 6.24 -16.33 20.24
N HIS C 100 6.16 -17.52 20.83
CA HIS C 100 5.36 -17.81 22.04
C HIS C 100 6.24 -17.57 23.27
N PHE C 110 4.69 -16.50 27.96
CA PHE C 110 4.12 -15.32 27.27
C PHE C 110 4.36 -15.39 25.74
N PHE C 111 3.76 -14.44 25.02
CA PHE C 111 3.85 -14.27 23.54
C PHE C 111 4.65 -13.01 23.23
N GLY C 112 5.75 -13.15 22.49
CA GLY C 112 6.45 -12.00 21.88
C GLY C 112 6.00 -11.78 20.46
N LEU C 113 5.16 -10.76 20.21
CA LEU C 113 4.58 -10.48 18.87
C LEU C 113 5.31 -9.33 18.17
N ILE C 114 5.63 -9.52 16.88
CA ILE C 114 6.27 -8.47 16.02
C ILE C 114 5.23 -7.36 15.86
N LYS C 115 5.59 -6.12 16.22
CA LYS C 115 4.69 -4.93 16.21
C LYS C 115 4.16 -4.69 14.79
N ASP C 116 5.05 -4.84 13.78
CA ASP C 116 4.79 -4.42 12.37
C ASP C 116 3.93 -5.46 11.65
N ARG C 117 3.78 -6.65 12.26
CA ARG C 117 2.99 -7.74 11.68
C ARG C 117 1.52 -7.58 12.09
N LEU C 118 1.23 -6.67 13.02
CA LEU C 118 -0.12 -6.55 13.64
C LEU C 118 -0.74 -5.22 13.24
N ALA C 119 -2.07 -5.18 13.23
CA ALA C 119 -2.87 -3.99 12.91
C ALA C 119 -3.78 -3.71 14.09
N GLU C 120 -3.87 -2.45 14.49
CA GLU C 120 -4.55 -2.03 15.73
C GLU C 120 -5.88 -1.41 15.36
N GLY C 121 -6.87 -1.63 16.22
CA GLY C 121 -8.15 -0.91 16.14
C GLY C 121 -8.94 -0.99 17.44
N PRO C 122 -10.15 -0.40 17.44
CA PRO C 122 -10.98 -0.37 18.66
C PRO C 122 -11.56 -1.75 19.05
N ALA C 123 -12.13 -1.85 20.26
CA ALA C 123 -12.61 -3.14 20.84
C ALA C 123 -13.89 -3.56 20.12
N PHE D 2 -22.00 4.38 4.35
CA PHE D 2 -20.76 5.04 3.83
C PHE D 2 -19.95 5.67 5.00
N PHE D 3 -20.52 6.38 5.98
CA PHE D 3 -19.74 7.14 7.02
C PHE D 3 -18.94 6.16 7.86
N GLU D 4 -19.56 5.00 8.17
CA GLU D 4 -18.95 3.91 8.96
C GLU D 4 -17.65 3.46 8.30
N GLN D 5 -17.62 3.37 6.97
CA GLN D 5 -16.43 2.86 6.27
C GLN D 5 -15.36 3.96 6.24
N MET D 6 -15.71 5.23 6.54
CA MET D 6 -14.71 6.33 6.44
C MET D 6 -14.19 6.73 7.82
N GLN D 7 -14.80 6.24 8.88
CA GLN D 7 -14.41 6.54 10.29
C GLN D 7 -13.01 6.01 10.51
N1 SNN D 8 -9.76 6.12 13.70
C SNN D 8 -10.76 5.70 12.93
CA SNN D 8 -10.74 6.42 11.63
N SNN D 8 -12.01 6.99 11.34
C4 SNN D 8 -9.68 7.55 11.84
C5 SNN D 8 -9.08 7.18 13.15
O SNN D 8 -11.58 4.83 13.27
O5 SNN D 8 -8.02 7.67 13.54
N PHE E 2 -0.50 5.86 -28.23
CA PHE E 2 0.70 5.02 -28.54
C PHE E 2 1.69 5.07 -27.36
N PHE E 3 2.99 5.25 -27.67
CA PHE E 3 4.17 5.07 -26.78
C PHE E 3 4.00 5.85 -25.47
N GLU E 4 3.56 7.11 -25.58
CA GLU E 4 3.36 8.05 -24.45
C GLU E 4 2.53 7.35 -23.37
N GLN E 5 1.51 6.61 -23.80
CA GLN E 5 0.55 5.93 -22.89
C GLN E 5 1.25 4.81 -22.11
N MET E 6 2.26 4.17 -22.71
CA MET E 6 2.93 2.94 -22.18
C MET E 6 4.20 3.30 -21.40
N GLN E 7 4.62 4.55 -21.43
CA GLN E 7 5.78 5.01 -20.65
C GLN E 7 5.62 4.72 -19.18
N1 SNN E 8 7.93 5.22 -15.30
C SNN E 8 7.15 5.53 -16.34
CA SNN E 8 6.79 4.26 -17.02
N SNN E 8 6.86 4.32 -18.39
C4 SNN E 8 7.78 3.28 -16.38
C5 SNN E 8 8.28 3.98 -15.23
O SNN E 8 6.79 6.63 -16.76
O5 SNN E 8 8.84 3.51 -14.31
ZN ZN F . -9.96 12.46 -6.73
ZN ZN G . -1.03 -12.35 -24.23
ZN ZN H . -3.52 -13.63 9.09
#